data_1AMH
#
_entry.id   1AMH
#
_cell.length_a   45.920
_cell.length_b   49.790
_cell.length_c   89.880
_cell.angle_alpha   90.00
_cell.angle_beta   97.34
_cell.angle_gamma   90.00
#
_symmetry.space_group_name_H-M   'P 1 21 1'
#
loop_
_entity.id
_entity.type
_entity.pdbx_description
1 polymer 'ANIONIC TRYPSIN'
2 non-polymer 'CALCIUM ION'
3 water water
#
_entity_poly.entity_id   1
_entity_poly.type   'polypeptide(L)'
_entity_poly.pdbx_seq_one_letter_code
;IVGGYTCQENSVPYQVSLNSGYHFCGGSLINDQWVVSAAHCYKSRIQVRLGEHNINVLEGNEQFVNAAKIIKHPNFDRKT
LNNDIMLIKLSSPVKLNARVATVALPSSCAPAGTQCLISGWGNTLSSGVNEPDLLQCLDAPLLPQADCEASYPGKITDNM
VCVGFLEGGKSSCQGDSGGPVVCNGELQGIVSWGYGCALPDNPGVYTKVCNYVDWIQDTIAAN
;
_entity_poly.pdbx_strand_id   A,B
#
# COMPACT_ATOMS: atom_id res chain seq x y z
N ILE A 1 2.52 2.98 -9.33
CA ILE A 1 2.56 4.46 -9.32
C ILE A 1 1.18 5.07 -9.61
N VAL A 2 0.82 6.08 -8.82
CA VAL A 2 -0.45 6.77 -9.00
C VAL A 2 -0.16 8.10 -9.68
N GLY A 3 -1.15 8.63 -10.38
CA GLY A 3 -1.02 9.91 -11.07
C GLY A 3 0.19 10.00 -11.98
N GLY A 4 0.51 8.90 -12.64
CA GLY A 4 1.64 8.89 -13.54
C GLY A 4 1.12 8.63 -14.94
N TYR A 5 2.03 8.26 -15.85
CA TYR A 5 1.65 7.96 -17.23
C TYR A 5 2.33 6.70 -17.74
N THR A 6 1.68 5.99 -18.63
CA THR A 6 2.23 4.78 -19.22
C THR A 6 3.49 5.20 -19.98
N CYS A 7 4.61 4.54 -19.70
CA CYS A 7 5.87 4.86 -20.36
C CYS A 7 5.83 4.42 -21.82
N GLN A 8 6.60 5.13 -22.63
CA GLN A 8 6.74 4.80 -24.05
C GLN A 8 7.40 3.43 -24.14
N GLU A 9 6.89 2.63 -25.04
CA GLU A 9 7.39 1.25 -25.24
C GLU A 9 8.93 1.21 -25.27
N ASN A 10 9.44 0.58 -24.23
CA ASN A 10 10.89 0.34 -24.03
C ASN A 10 11.70 1.65 -23.99
N SER A 11 11.20 2.59 -23.23
CA SER A 11 11.89 3.88 -23.05
C SER A 11 12.78 3.83 -21.79
N VAL A 12 12.57 2.77 -21.02
CA VAL A 12 13.33 2.50 -19.78
C VAL A 12 13.98 1.10 -19.87
N PRO A 13 14.97 0.94 -20.75
CA PRO A 13 15.62 -0.35 -20.97
C PRO A 13 16.36 -0.96 -19.77
N TYR A 14 16.63 -0.19 -18.72
CA TYR A 14 17.42 -0.71 -17.55
C TYR A 14 16.53 -1.31 -16.45
N GLN A 15 15.21 -1.20 -16.63
CA GLN A 15 14.23 -1.69 -15.69
C GLN A 15 14.00 -3.19 -15.81
N VAL A 16 14.12 -3.91 -14.69
CA VAL A 16 13.90 -5.35 -14.71
C VAL A 16 12.72 -5.70 -13.80
N SER A 17 12.26 -6.94 -13.88
CA SER A 17 11.15 -7.39 -13.05
C SER A 17 11.51 -8.63 -12.24
N LEU A 18 11.53 -8.49 -10.93
CA LEU A 18 11.81 -9.61 -10.04
C LEU A 18 10.52 -10.43 -9.95
N ASN A 19 10.59 -11.68 -10.41
CA ASN A 19 9.43 -12.56 -10.43
C ASN A 19 9.66 -13.88 -9.69
N SER A 20 8.67 -14.31 -8.91
CA SER A 20 8.72 -15.58 -8.18
C SER A 20 7.32 -16.20 -8.24
N GLY A 21 6.88 -16.36 -9.47
CA GLY A 21 5.55 -16.89 -9.79
C GLY A 21 4.66 -15.72 -10.22
N TYR A 22 4.99 -14.59 -9.64
CA TYR A 22 4.31 -13.31 -9.89
C TYR A 22 5.30 -12.17 -9.66
N HIS A 23 5.11 -11.09 -10.41
CA HIS A 23 5.94 -9.90 -10.24
C HIS A 23 5.75 -9.40 -8.83
N PHE A 24 6.85 -9.07 -8.14
CA PHE A 24 6.74 -8.57 -6.78
C PHE A 24 7.60 -7.34 -6.49
N CYS A 25 8.62 -7.10 -7.31
CA CYS A 25 9.49 -5.94 -7.14
C CYS A 25 10.16 -5.56 -8.45
N GLY A 26 10.84 -4.41 -8.44
CA GLY A 26 11.55 -3.94 -9.62
C GLY A 26 13.02 -3.81 -9.30
N GLY A 27 13.86 -3.60 -10.30
CA GLY A 27 15.28 -3.45 -10.05
C GLY A 27 15.94 -2.80 -11.26
N SER A 28 17.27 -2.77 -11.29
CA SER A 28 17.98 -2.15 -12.41
C SER A 28 19.19 -2.92 -12.86
N LEU A 29 19.37 -3.01 -14.17
CA LEU A 29 20.51 -3.69 -14.76
C LEU A 29 21.69 -2.72 -14.68
N ILE A 30 22.80 -3.14 -14.09
CA ILE A 30 23.96 -2.26 -14.01
C ILE A 30 25.10 -2.76 -14.89
N ASN A 31 25.01 -4.01 -15.31
CA ASN A 31 25.98 -4.63 -16.21
C ASN A 31 25.31 -5.92 -16.73
N ASP A 32 25.93 -6.55 -17.71
CA ASP A 32 25.33 -7.72 -18.38
C ASP A 32 25.22 -8.96 -17.47
N GLN A 33 25.33 -8.79 -16.16
CA GLN A 33 25.23 -9.94 -15.24
C GLN A 33 24.93 -9.55 -13.80
N TRP A 34 24.64 -8.28 -13.57
CA TRP A 34 24.34 -7.81 -12.20
C TRP A 34 23.15 -6.86 -12.17
N VAL A 35 22.24 -7.08 -11.23
CA VAL A 35 21.06 -6.25 -11.05
C VAL A 35 21.06 -5.68 -9.63
N VAL A 36 20.55 -4.45 -9.49
CA VAL A 36 20.46 -3.80 -8.19
C VAL A 36 18.97 -3.65 -7.82
N SER A 37 18.66 -3.95 -6.56
CA SER A 37 17.29 -3.88 -6.06
C SER A 37 17.29 -3.57 -4.56
N ALA A 38 16.11 -3.53 -3.94
CA ALA A 38 15.99 -3.24 -2.51
C ALA A 38 16.18 -4.53 -1.70
N ALA A 39 16.81 -4.43 -0.53
CA ALA A 39 17.04 -5.63 0.27
C ALA A 39 15.76 -6.30 0.77
N HIS A 40 14.71 -5.50 0.98
CA HIS A 40 13.46 -6.05 1.47
C HIS A 40 12.73 -6.86 0.41
N CYS A 41 13.26 -6.87 -0.81
CA CYS A 41 12.68 -7.61 -1.93
C CYS A 41 13.38 -8.96 -2.07
N TYR A 42 14.16 -9.33 -1.06
CA TYR A 42 14.90 -10.57 -1.04
C TYR A 42 13.98 -11.79 -0.88
N LYS A 43 14.28 -12.76 -1.73
CA LYS A 43 13.60 -14.07 -1.78
C LYS A 43 14.67 -15.10 -2.18
N SER A 44 14.43 -16.33 -1.78
CA SER A 44 15.41 -17.42 -2.00
C SER A 44 15.51 -17.85 -3.47
N ARG A 45 14.41 -17.71 -4.20
CA ARG A 45 14.36 -18.09 -5.61
C ARG A 45 13.74 -16.94 -6.40
N ILE A 46 14.58 -16.31 -7.19
CA ILE A 46 14.17 -15.15 -8.00
C ILE A 46 14.58 -15.30 -9.47
N GLN A 47 13.62 -15.01 -10.32
CA GLN A 47 13.81 -15.00 -11.76
C GLN A 47 13.72 -13.56 -12.24
N VAL A 48 14.72 -13.17 -13.00
CA VAL A 48 14.78 -11.80 -13.51
C VAL A 48 14.27 -11.74 -14.94
N ARG A 49 13.28 -10.88 -15.16
CA ARG A 49 12.71 -10.72 -16.48
C ARG A 49 13.09 -9.35 -17.01
N LEU A 50 13.76 -9.32 -18.17
CA LEU A 50 14.21 -8.07 -18.77
C LEU A 50 13.54 -7.78 -20.11
N GLY A 51 13.64 -6.52 -20.54
CA GLY A 51 13.06 -6.10 -21.81
C GLY A 51 11.58 -6.34 -21.86
N GLU A 52 10.88 -5.84 -20.86
CA GLU A 52 9.46 -6.03 -20.81
C GLU A 52 8.71 -4.71 -20.61
N HIS A 53 7.58 -4.64 -21.31
CA HIS A 53 6.65 -3.48 -21.24
C HIS A 53 5.33 -3.97 -20.65
N ASN A 54 4.71 -4.89 -21.38
CA ASN A 54 3.47 -5.54 -20.96
C ASN A 54 3.84 -6.87 -20.26
N ILE A 55 3.97 -6.75 -18.95
CA ILE A 55 4.39 -7.84 -18.05
C ILE A 55 3.50 -9.10 -18.12
N ASN A 56 2.33 -8.96 -18.74
CA ASN A 56 1.36 -10.08 -18.79
C ASN A 56 1.23 -10.67 -20.20
N VAL A 57 2.09 -10.22 -21.10
CA VAL A 57 2.05 -10.71 -22.49
C VAL A 57 3.47 -10.81 -23.05
N LEU A 58 3.69 -11.88 -23.78
CA LEU A 58 4.98 -12.14 -24.44
C LEU A 58 5.06 -11.29 -25.70
N GLU A 59 5.94 -10.29 -25.67
CA GLU A 59 6.11 -9.39 -26.80
C GLU A 59 7.14 -9.89 -27.82
N GLY A 60 8.15 -10.62 -27.36
CA GLY A 60 9.16 -11.12 -28.26
C GLY A 60 10.56 -10.60 -27.98
N ASN A 61 10.65 -9.43 -27.38
CA ASN A 61 11.94 -8.82 -27.07
C ASN A 61 12.37 -9.05 -25.62
N GLU A 62 11.89 -10.12 -25.00
CA GLU A 62 12.21 -10.39 -23.61
C GLU A 62 13.29 -11.44 -23.35
N GLN A 63 13.83 -11.41 -22.12
CA GLN A 63 14.85 -12.35 -21.66
C GLN A 63 14.57 -12.72 -20.22
N PHE A 64 14.63 -14.01 -19.89
CA PHE A 64 14.38 -14.47 -18.53
C PHE A 64 15.62 -15.20 -18.01
N VAL A 65 16.19 -14.70 -16.92
CA VAL A 65 17.39 -15.33 -16.35
C VAL A 65 17.27 -15.49 -14.85
N ASN A 66 17.56 -16.70 -14.35
CA ASN A 66 17.49 -16.98 -12.92
C ASN A 66 18.62 -16.30 -12.15
N ALA A 67 18.46 -16.13 -10.85
CA ALA A 67 19.50 -15.52 -10.02
C ALA A 67 20.45 -16.62 -9.52
N ALA A 68 21.75 -16.41 -9.70
CA ALA A 68 22.74 -17.39 -9.26
C ALA A 68 23.23 -17.07 -7.86
N LYS A 69 23.20 -15.79 -7.50
CA LYS A 69 23.65 -15.36 -6.19
C LYS A 69 23.02 -14.02 -5.80
N ILE A 70 22.37 -13.99 -4.65
CA ILE A 70 21.71 -12.79 -4.15
C ILE A 70 22.47 -12.30 -2.93
N ILE A 71 22.98 -11.08 -2.98
CA ILE A 71 23.74 -10.53 -1.88
C ILE A 71 23.11 -9.27 -1.29
N LYS A 72 22.58 -9.38 -0.08
CA LYS A 72 21.99 -8.23 0.61
C LYS A 72 23.11 -7.46 1.29
N HIS A 73 22.85 -6.21 1.65
CA HIS A 73 23.85 -5.42 2.33
C HIS A 73 23.97 -5.94 3.74
N PRO A 74 25.18 -6.29 4.17
CA PRO A 74 25.49 -6.81 5.51
C PRO A 74 24.76 -6.11 6.66
N ASN A 75 24.64 -4.78 6.56
CA ASN A 75 24.02 -3.96 7.59
C ASN A 75 22.56 -3.61 7.35
N PHE A 76 21.85 -4.39 6.54
CA PHE A 76 20.45 -4.12 6.28
C PHE A 76 19.63 -4.18 7.56
N ASP A 77 18.84 -3.15 7.82
CA ASP A 77 18.00 -3.11 9.01
C ASP A 77 16.54 -3.26 8.62
N ARG A 78 15.99 -4.45 8.86
CA ARG A 78 14.61 -4.78 8.51
C ARG A 78 13.57 -3.93 9.23
N LYS A 79 13.96 -3.33 10.34
CA LYS A 79 13.06 -2.51 11.12
C LYS A 79 12.94 -1.08 10.60
N THR A 80 14.07 -0.45 10.30
CA THR A 80 14.04 0.92 9.80
C THR A 80 14.35 0.99 8.32
N LEU A 81 14.44 -0.17 7.68
CA LEU A 81 14.77 -0.22 6.25
C LEU A 81 15.99 0.63 5.89
N ASN A 82 16.92 0.70 6.82
CA ASN A 82 18.19 1.40 6.63
C ASN A 82 19.11 0.48 5.80
N ASN A 83 19.91 1.08 4.94
CA ASN A 83 20.83 0.32 4.08
C ASN A 83 20.05 -0.67 3.21
N ASP A 84 18.87 -0.25 2.80
CA ASP A 84 17.95 -1.09 2.02
C ASP A 84 18.40 -1.24 0.55
N ILE A 85 19.48 -1.98 0.35
CA ILE A 85 20.02 -2.25 -1.00
C ILE A 85 20.53 -3.69 -1.08
N MET A 86 20.41 -4.26 -2.27
CA MET A 86 20.80 -5.67 -2.53
C MET A 86 21.25 -5.85 -4.00
N LEU A 87 22.25 -6.70 -4.18
CA LEU A 87 22.78 -7.00 -5.53
C LEU A 87 22.40 -8.43 -5.93
N ILE A 88 22.18 -8.63 -7.22
CA ILE A 88 21.81 -9.94 -7.75
C ILE A 88 22.67 -10.31 -8.95
N LYS A 89 23.27 -11.47 -8.88
CA LYS A 89 24.10 -11.97 -9.98
C LYS A 89 23.28 -12.98 -10.80
N LEU A 90 23.25 -12.75 -12.10
CA LEU A 90 22.50 -13.59 -13.04
C LEU A 90 23.32 -14.83 -13.41
N SER A 91 22.60 -15.92 -13.66
CA SER A 91 23.23 -17.20 -14.01
C SER A 91 23.90 -17.14 -15.38
N SER A 92 23.45 -16.22 -16.22
CA SER A 92 24.01 -16.06 -17.57
C SER A 92 23.97 -14.60 -18.00
N PRO A 93 25.04 -14.07 -18.64
CA PRO A 93 25.02 -12.70 -19.12
C PRO A 93 23.90 -12.49 -20.12
N VAL A 94 23.22 -11.35 -19.97
CA VAL A 94 22.09 -11.00 -20.84
C VAL A 94 22.62 -10.27 -22.08
N LYS A 95 21.97 -10.56 -23.19
CA LYS A 95 22.34 -9.98 -24.49
C LYS A 95 21.76 -8.57 -24.60
N LEU A 96 22.63 -7.61 -24.34
CA LEU A 96 22.30 -6.17 -24.37
C LEU A 96 21.94 -5.74 -25.79
N ASN A 97 20.96 -4.85 -25.83
CA ASN A 97 20.48 -4.24 -27.09
C ASN A 97 19.76 -2.92 -26.79
N ALA A 98 18.77 -2.64 -27.61
CA ALA A 98 18.00 -1.39 -27.52
C ALA A 98 16.90 -1.49 -26.44
N ARG A 99 16.34 -2.68 -26.33
CA ARG A 99 15.26 -2.95 -25.37
C ARG A 99 15.81 -3.26 -23.96
N VAL A 100 16.98 -3.88 -23.94
CA VAL A 100 17.64 -4.27 -22.69
C VAL A 100 19.03 -3.63 -22.57
N ALA A 101 19.14 -2.61 -21.72
CA ALA A 101 20.41 -1.89 -21.52
C ALA A 101 20.61 -1.48 -20.05
N THR A 102 21.86 -1.15 -19.75
CA THR A 102 22.28 -0.79 -18.37
C THR A 102 21.95 0.68 -18.03
N VAL A 103 22.38 1.05 -16.82
CA VAL A 103 22.23 2.40 -16.25
C VAL A 103 23.46 2.67 -15.37
N ALA A 104 23.91 3.90 -15.41
CA ALA A 104 25.14 4.31 -14.68
C ALA A 104 24.89 4.61 -13.20
N LEU A 105 25.94 4.32 -12.45
CA LEU A 105 26.03 4.58 -11.00
C LEU A 105 26.38 6.05 -10.80
N PRO A 106 25.88 6.71 -9.76
CA PRO A 106 26.14 8.13 -9.55
C PRO A 106 27.61 8.46 -9.32
N SER A 107 28.05 9.52 -10.01
CA SER A 107 29.41 10.05 -9.88
C SER A 107 29.46 11.00 -8.68
N SER A 108 28.25 11.36 -8.25
CA SER A 108 28.04 12.28 -7.12
C SER A 108 26.59 12.19 -6.64
N CYS A 109 26.33 12.78 -5.49
CA CYS A 109 24.97 12.80 -4.94
C CYS A 109 24.21 13.96 -5.56
N ALA A 110 23.06 13.66 -6.13
CA ALA A 110 22.22 14.67 -6.79
C ALA A 110 21.72 15.70 -5.76
N PRO A 111 21.89 17.00 -6.00
CA PRO A 111 21.40 18.05 -5.09
C PRO A 111 19.90 18.22 -5.19
N ALA A 112 19.32 18.84 -4.17
CA ALA A 112 17.87 19.11 -4.13
C ALA A 112 17.43 19.88 -5.39
N GLY A 113 16.23 19.57 -5.84
CA GLY A 113 15.63 20.22 -7.01
C GLY A 113 15.80 19.37 -8.28
N THR A 114 16.81 18.51 -8.28
CA THR A 114 17.11 17.65 -9.43
C THR A 114 15.90 16.79 -9.80
N GLN A 115 15.63 16.75 -11.09
CA GLN A 115 14.50 16.00 -11.65
C GLN A 115 14.90 14.55 -11.89
N CYS A 116 13.98 13.67 -11.56
CA CYS A 116 14.18 12.22 -11.68
C CYS A 116 12.94 11.54 -12.26
N LEU A 117 13.18 10.35 -12.78
CA LEU A 117 12.15 9.50 -13.37
C LEU A 117 12.02 8.22 -12.54
N ILE A 118 10.79 7.90 -12.19
CA ILE A 118 10.48 6.68 -11.41
C ILE A 118 9.64 5.75 -12.29
N SER A 119 9.98 4.47 -12.29
CA SER A 119 9.24 3.49 -13.13
C SER A 119 8.88 2.23 -12.33
N GLY A 120 7.94 1.46 -12.87
CA GLY A 120 7.51 0.20 -12.23
C GLY A 120 6.07 -0.17 -12.58
N TRP A 121 5.73 -1.38 -12.16
CA TRP A 121 4.41 -1.98 -12.39
C TRP A 121 3.64 -2.06 -11.06
N GLY A 122 3.88 -1.09 -10.19
CA GLY A 122 3.22 -1.03 -8.86
C GLY A 122 1.73 -0.72 -9.00
N ASN A 123 1.07 -0.69 -7.85
CA ASN A 123 -0.37 -0.37 -7.78
C ASN A 123 -0.56 1.08 -8.25
N THR A 124 -1.66 1.31 -8.96
CA THR A 124 -1.93 2.65 -9.55
C THR A 124 -3.20 3.32 -9.02
N LEU A 125 -3.77 2.78 -7.95
CA LEU A 125 -5.01 3.34 -7.38
C LEU A 125 -4.78 3.83 -5.95
N SER A 126 -5.50 4.89 -5.61
CA SER A 126 -5.42 5.51 -4.27
C SER A 126 -6.40 4.83 -3.31
N SER A 127 -7.40 4.21 -3.91
CA SER A 127 -8.44 3.45 -3.20
C SER A 127 -8.74 2.20 -4.02
N GLY A 128 -8.43 1.07 -3.43
CA GLY A 128 -8.59 -0.24 -4.09
C GLY A 128 -7.20 -0.74 -4.48
N VAL A 129 -7.18 -1.65 -5.42
CA VAL A 129 -5.91 -2.23 -5.92
C VAL A 129 -6.00 -2.46 -7.42
N ASN A 130 -4.88 -2.25 -8.08
CA ASN A 130 -4.78 -2.42 -9.54
C ASN A 130 -3.32 -2.52 -9.98
N GLU A 131 -2.98 -3.71 -10.48
CA GLU A 131 -1.64 -4.02 -10.99
C GLU A 131 -1.61 -3.83 -12.50
N PRO A 132 -1.09 -2.70 -12.99
CA PRO A 132 -1.06 -2.41 -14.42
C PRO A 132 -0.26 -3.44 -15.20
N ASP A 133 -0.61 -3.54 -16.48
CA ASP A 133 0.08 -4.45 -17.42
C ASP A 133 1.31 -3.74 -17.99
N LEU A 134 1.10 -2.48 -18.33
CA LEU A 134 2.14 -1.62 -18.90
C LEU A 134 2.89 -0.87 -17.80
N LEU A 135 4.16 -0.66 -18.08
CA LEU A 135 5.11 0.03 -17.18
C LEU A 135 4.69 1.52 -17.04
N GLN A 136 4.51 1.94 -15.79
CA GLN A 136 4.11 3.33 -15.46
C GLN A 136 5.35 4.19 -15.17
N CYS A 137 5.24 5.47 -15.51
CA CYS A 137 6.33 6.43 -15.29
C CYS A 137 5.82 7.65 -14.50
N LEU A 138 6.76 8.32 -13.85
CA LEU A 138 6.48 9.52 -13.05
C LEU A 138 7.74 10.36 -12.88
N ASP A 139 7.59 11.63 -13.20
CA ASP A 139 8.66 12.63 -13.08
C ASP A 139 8.46 13.37 -11.76
N ALA A 140 9.48 13.30 -10.91
CA ALA A 140 9.42 13.93 -9.59
C ALA A 140 10.79 14.44 -9.13
N PRO A 141 10.80 15.62 -8.53
CA PRO A 141 12.02 16.22 -7.97
C PRO A 141 12.51 15.51 -6.75
N LEU A 142 13.70 15.93 -6.35
CA LEU A 142 14.41 15.45 -5.16
C LEU A 142 14.39 16.55 -4.08
N LEU A 143 13.42 16.39 -3.18
CA LEU A 143 13.15 17.36 -2.10
C LEU A 143 14.33 17.51 -1.13
N PRO A 144 14.51 18.72 -0.55
CA PRO A 144 15.56 18.97 0.43
C PRO A 144 15.35 18.04 1.60
N GLN A 145 16.38 17.87 2.40
CA GLN A 145 16.33 16.97 3.57
C GLN A 145 15.29 17.44 4.58
N ALA A 146 15.13 18.75 4.67
CA ALA A 146 14.18 19.38 5.60
C ALA A 146 12.74 18.88 5.35
N ASP A 147 12.39 18.79 4.08
CA ASP A 147 11.06 18.34 3.67
C ASP A 147 10.88 16.85 3.99
N CYS A 148 11.99 16.14 3.90
CA CYS A 148 12.03 14.68 4.15
C CYS A 148 11.81 14.40 5.64
N GLU A 149 12.35 15.27 6.47
CA GLU A 149 12.27 15.12 7.93
C GLU A 149 10.86 15.48 8.44
N ALA A 150 10.28 16.49 7.82
CA ALA A 150 8.96 16.99 8.22
C ALA A 150 7.87 15.90 8.07
N SER A 151 7.99 15.10 7.03
CA SER A 151 6.99 14.06 6.74
C SER A 151 7.22 12.78 7.55
N TYR A 152 8.46 12.48 7.82
CA TYR A 152 8.81 11.27 8.60
C TYR A 152 9.78 11.65 9.72
N PRO A 153 9.29 12.37 10.73
CA PRO A 153 10.13 12.85 11.82
C PRO A 153 10.92 11.74 12.47
N GLY A 154 12.22 12.04 12.61
CA GLY A 154 13.25 11.21 13.27
C GLY A 154 13.32 9.77 12.72
N LYS A 155 12.96 9.61 11.46
CA LYS A 155 12.97 8.28 10.84
C LYS A 155 13.91 8.24 9.61
N ILE A 156 14.50 9.39 9.31
CA ILE A 156 15.39 9.52 8.14
C ILE A 156 16.87 9.49 8.53
N THR A 157 17.57 8.54 7.94
CA THR A 157 19.02 8.36 8.13
C THR A 157 19.77 9.03 6.97
N ASP A 158 21.08 9.01 7.07
CA ASP A 158 21.93 9.64 6.06
C ASP A 158 21.90 8.84 4.73
N ASN A 159 21.41 7.61 4.80
CA ASN A 159 21.37 6.72 3.62
C ASN A 159 19.99 6.69 2.94
N MET A 160 19.20 7.72 3.19
CA MET A 160 17.85 7.82 2.59
C MET A 160 17.67 9.22 1.99
N VAL A 161 16.85 9.26 0.95
CA VAL A 161 16.57 10.51 0.25
C VAL A 161 15.13 10.51 -0.25
N CYS A 162 14.47 11.63 -0.03
CA CYS A 162 13.06 11.81 -0.41
C CYS A 162 12.94 12.38 -1.82
N VAL A 163 11.90 11.89 -2.48
CA VAL A 163 11.53 12.26 -3.85
C VAL A 163 10.00 12.19 -3.98
N GLY A 164 9.42 13.27 -4.47
CA GLY A 164 7.96 13.30 -4.67
C GLY A 164 7.38 14.71 -4.50
N PHE A 165 6.08 14.69 -4.26
CA PHE A 165 5.26 15.90 -4.08
C PHE A 165 4.55 15.84 -2.72
N LEU A 166 4.17 17.03 -2.28
CA LEU A 166 3.47 17.22 -0.99
C LEU A 166 1.97 17.41 -1.23
N GLU A 167 1.65 17.43 -2.50
CA GLU A 167 0.27 17.61 -2.97
C GLU A 167 0.23 17.28 -4.46
N GLY A 168 -0.90 16.78 -4.90
CA GLY A 168 -1.07 16.46 -6.32
C GLY A 168 -1.53 15.01 -6.50
N GLY A 169 -1.31 14.24 -5.47
CA GLY A 169 -1.71 12.83 -5.42
C GLY A 169 -0.98 12.00 -6.48
N LYS A 170 0.33 12.11 -6.43
CA LYS A 170 1.26 11.38 -7.31
C LYS A 170 2.36 10.78 -6.45
N SER A 171 2.60 9.49 -6.61
CA SER A 171 3.62 8.84 -5.81
C SER A 171 3.82 7.37 -6.17
N SER A 172 4.95 6.87 -5.69
CA SER A 172 5.34 5.46 -5.85
C SER A 172 4.39 4.63 -5.00
N CYS A 173 4.43 3.34 -5.21
CA CYS A 173 3.55 2.42 -4.46
C CYS A 173 4.15 1.04 -4.40
N GLN A 174 3.51 0.19 -3.61
CA GLN A 174 3.94 -1.20 -3.49
C GLN A 174 3.78 -1.86 -4.86
N GLY A 175 4.85 -2.49 -5.26
CA GLY A 175 4.93 -3.13 -6.57
C GLY A 175 6.06 -2.47 -7.35
N ASP A 176 6.24 -1.19 -7.05
CA ASP A 176 7.29 -0.37 -7.66
C ASP A 176 8.57 -0.51 -6.84
N SER A 177 8.39 -1.10 -5.66
CA SER A 177 9.50 -1.31 -4.70
C SER A 177 10.69 -1.98 -5.40
N GLY A 178 11.86 -1.48 -5.07
CA GLY A 178 13.14 -1.97 -5.59
C GLY A 178 13.46 -1.38 -6.97
N GLY A 179 12.51 -0.67 -7.51
CA GLY A 179 12.62 -0.08 -8.86
C GLY A 179 13.53 1.17 -8.89
N PRO A 180 14.10 1.45 -10.08
CA PRO A 180 15.01 2.59 -10.28
C PRO A 180 14.36 3.98 -10.14
N VAL A 181 15.26 4.93 -9.87
CA VAL A 181 15.02 6.42 -9.80
C VAL A 181 16.25 7.03 -10.46
N VAL A 182 16.11 7.36 -11.73
CA VAL A 182 17.19 7.93 -12.51
C VAL A 182 17.13 9.43 -12.63
N CYS A 183 18.19 10.10 -12.19
CA CYS A 183 18.31 11.56 -12.28
C CYS A 183 19.57 11.87 -13.06
N ASN A 184 19.45 12.63 -14.14
CA ASN A 184 20.59 13.00 -14.99
C ASN A 184 21.44 11.83 -15.49
N GLY A 185 20.75 10.87 -16.11
CA GLY A 185 21.42 9.70 -16.66
C GLY A 185 22.06 8.75 -15.68
N GLU A 186 21.82 8.95 -14.40
CA GLU A 186 22.41 8.07 -13.40
C GLU A 186 21.37 7.59 -12.39
N LEU A 187 21.64 6.42 -11.78
CA LEU A 187 20.75 5.85 -10.77
C LEU A 187 21.04 6.55 -9.47
N GLN A 188 20.05 7.25 -8.93
CA GLN A 188 20.25 7.96 -7.68
C GLN A 188 19.48 7.33 -6.51
N GLY A 189 18.40 6.63 -6.80
CA GLY A 189 17.63 6.02 -5.75
C GLY A 189 17.02 4.68 -6.15
N ILE A 190 16.51 4.04 -5.10
CA ILE A 190 15.83 2.75 -5.16
C ILE A 190 14.57 2.83 -4.31
N VAL A 191 13.46 2.54 -4.96
CA VAL A 191 12.14 2.58 -4.30
C VAL A 191 12.17 1.72 -3.04
N SER A 192 12.26 2.37 -1.88
CA SER A 192 12.32 1.70 -0.60
C SER A 192 10.99 1.69 0.15
N TRP A 193 10.57 2.84 0.68
CA TRP A 193 9.31 2.92 1.43
C TRP A 193 8.64 4.29 1.45
N GLY A 194 7.47 4.35 2.09
CA GLY A 194 6.70 5.58 2.20
C GLY A 194 5.23 5.28 2.33
N TYR A 195 4.38 6.30 2.50
CA TYR A 195 2.93 6.11 2.62
C TYR A 195 2.31 5.46 1.38
N GLY A 196 2.99 5.55 0.24
CA GLY A 196 2.49 4.96 -0.99
C GLY A 196 1.20 5.50 -1.60
N CYS A 197 0.51 4.65 -2.37
CA CYS A 197 -0.74 5.03 -3.05
C CYS A 197 -1.84 5.59 -2.16
N ALA A 198 -1.92 5.13 -0.92
CA ALA A 198 -2.96 5.58 0.01
C ALA A 198 -2.86 7.09 0.29
N LEU A 199 -1.72 7.53 0.76
CA LEU A 199 -1.51 8.96 1.04
C LEU A 199 -0.56 9.54 -0.01
N PRO A 200 -1.02 9.69 -1.25
CA PRO A 200 -0.18 10.20 -2.33
C PRO A 200 0.34 11.60 -2.06
N ASP A 201 -0.30 12.27 -1.11
CA ASP A 201 0.06 13.67 -0.76
C ASP A 201 1.19 13.73 0.28
N ASN A 202 2.23 12.95 0.00
CA ASN A 202 3.42 12.86 0.83
C ASN A 202 4.55 12.33 -0.04
N PRO A 203 5.76 12.85 0.15
CA PRO A 203 6.89 12.38 -0.66
C PRO A 203 7.30 10.97 -0.23
N GLY A 204 7.94 10.23 -1.11
CA GLY A 204 8.39 8.88 -0.78
C GLY A 204 9.86 8.88 -0.36
N VAL A 205 10.31 7.81 0.29
CA VAL A 205 11.71 7.75 0.71
C VAL A 205 12.45 6.61 0.00
N TYR A 206 13.62 6.95 -0.56
CA TYR A 206 14.42 6.02 -1.34
C TYR A 206 15.83 5.85 -0.80
N THR A 207 16.49 4.75 -1.17
CA THR A 207 17.86 4.51 -0.74
C THR A 207 18.78 5.46 -1.52
N LYS A 208 19.73 6.07 -0.81
CA LYS A 208 20.69 7.02 -1.39
C LYS A 208 21.87 6.21 -1.95
N VAL A 209 21.78 5.92 -3.23
CA VAL A 209 22.76 5.07 -3.95
C VAL A 209 24.19 5.65 -4.01
N CYS A 210 24.31 6.96 -4.04
CA CYS A 210 25.63 7.63 -4.13
C CYS A 210 26.52 7.28 -2.96
N ASN A 211 25.93 6.65 -1.95
CA ASN A 211 26.67 6.24 -0.75
C ASN A 211 27.22 4.82 -0.84
N TYR A 212 26.75 4.05 -1.81
CA TYR A 212 27.20 2.67 -1.93
C TYR A 212 27.97 2.31 -3.19
N VAL A 213 28.48 3.31 -3.91
CA VAL A 213 29.21 3.03 -5.15
C VAL A 213 30.42 2.14 -4.90
N ASP A 214 31.16 2.42 -3.82
CA ASP A 214 32.33 1.62 -3.48
C ASP A 214 31.93 0.17 -3.20
N TRP A 215 30.94 -0.01 -2.34
CA TRP A 215 30.45 -1.33 -1.94
C TRP A 215 30.05 -2.13 -3.19
N ILE A 216 29.19 -1.56 -4.01
CA ILE A 216 28.71 -2.22 -5.23
C ILE A 216 29.89 -2.74 -6.04
N GLN A 217 30.89 -1.88 -6.26
CA GLN A 217 32.09 -2.21 -7.02
C GLN A 217 32.90 -3.34 -6.44
N ASP A 218 33.25 -3.22 -5.17
CA ASP A 218 34.02 -4.26 -4.48
C ASP A 218 33.30 -5.60 -4.46
N THR A 219 31.98 -5.56 -4.35
CA THR A 219 31.15 -6.75 -4.34
C THR A 219 31.21 -7.44 -5.70
N ILE A 220 31.01 -6.66 -6.76
CA ILE A 220 31.04 -7.18 -8.12
C ILE A 220 32.42 -7.72 -8.49
N ALA A 221 33.46 -7.20 -7.83
CA ALA A 221 34.82 -7.63 -8.07
C ALA A 221 35.10 -9.00 -7.46
N ALA A 222 34.78 -9.14 -6.18
CA ALA A 222 35.01 -10.39 -5.44
C ALA A 222 34.06 -11.55 -5.76
N ASN A 223 33.08 -11.35 -6.60
CA ASN A 223 32.12 -12.44 -6.86
C ASN A 223 31.96 -12.80 -8.32
N ILE B 1 -5.25 -7.55 4.33
CA ILE B 1 -4.61 -7.89 5.62
C ILE B 1 -3.45 -8.86 5.40
N VAL B 2 -2.39 -8.62 6.14
CA VAL B 2 -1.17 -9.43 6.09
C VAL B 2 -0.97 -10.17 7.42
N GLY B 3 -0.60 -11.43 7.28
CA GLY B 3 -0.34 -12.32 8.42
C GLY B 3 -1.63 -12.56 9.22
N GLY B 4 -2.71 -12.71 8.47
CA GLY B 4 -4.05 -12.97 9.03
C GLY B 4 -4.51 -14.34 8.58
N TYR B 5 -5.78 -14.64 8.83
CA TYR B 5 -6.38 -15.93 8.46
C TYR B 5 -7.73 -15.71 7.76
N THR B 6 -8.03 -16.64 6.87
CA THR B 6 -9.29 -16.63 6.13
C THR B 6 -10.43 -16.86 7.12
N CYS B 7 -11.28 -15.86 7.21
CA CYS B 7 -12.44 -15.90 8.11
C CYS B 7 -13.30 -17.10 7.82
N GLN B 8 -14.03 -17.56 8.82
CA GLN B 8 -14.93 -18.68 8.68
C GLN B 8 -16.10 -18.16 7.84
N GLU B 9 -16.54 -18.96 6.87
CA GLU B 9 -17.64 -18.57 5.99
C GLU B 9 -18.79 -17.89 6.74
N ASN B 10 -19.03 -16.62 6.39
CA ASN B 10 -20.09 -15.81 7.00
C ASN B 10 -20.03 -15.61 8.50
N SER B 11 -18.81 -15.45 9.03
CA SER B 11 -18.62 -15.21 10.45
C SER B 11 -18.59 -13.70 10.77
N VAL B 12 -18.61 -12.91 9.70
CA VAL B 12 -18.62 -11.43 9.78
C VAL B 12 -19.83 -10.91 8.99
N PRO B 13 -21.04 -11.20 9.46
CA PRO B 13 -22.27 -10.84 8.77
C PRO B 13 -22.51 -9.34 8.59
N TYR B 14 -21.64 -8.50 9.12
CA TYR B 14 -21.86 -7.03 9.03
C TYR B 14 -20.91 -6.34 8.03
N GLN B 15 -20.05 -7.15 7.45
CA GLN B 15 -19.05 -6.66 6.48
C GLN B 15 -19.66 -6.51 5.09
N VAL B 16 -19.52 -5.32 4.50
CA VAL B 16 -20.04 -5.07 3.16
C VAL B 16 -18.86 -4.78 2.23
N SER B 17 -19.15 -4.72 0.94
CA SER B 17 -18.13 -4.45 -0.06
C SER B 17 -18.56 -3.31 -0.97
N LEU B 18 -17.81 -2.21 -0.91
CA LEU B 18 -18.11 -1.07 -1.77
C LEU B 18 -17.53 -1.40 -3.15
N ASN B 19 -18.41 -1.57 -4.12
CA ASN B 19 -18.01 -1.94 -5.49
C ASN B 19 -18.47 -0.87 -6.49
N SER B 20 -17.54 -0.55 -7.36
CA SER B 20 -17.75 0.42 -8.45
C SER B 20 -17.00 -0.07 -9.68
N GLY B 21 -17.42 -1.26 -10.09
CA GLY B 21 -16.81 -1.97 -11.21
C GLY B 21 -15.81 -2.97 -10.63
N TYR B 22 -15.21 -2.59 -9.51
CA TYR B 22 -14.22 -3.42 -8.81
C TYR B 22 -14.29 -3.08 -7.32
N HIS B 23 -14.00 -4.06 -6.49
CA HIS B 23 -13.99 -3.85 -5.03
C HIS B 23 -12.93 -2.80 -4.71
N PHE B 24 -13.30 -1.80 -3.92
CA PHE B 24 -12.35 -0.74 -3.62
C PHE B 24 -12.27 -0.36 -2.15
N CYS B 25 -13.27 -0.76 -1.37
CA CYS B 25 -13.27 -0.47 0.07
C CYS B 25 -14.24 -1.40 0.77
N GLY B 26 -14.29 -1.28 2.09
CA GLY B 26 -15.20 -2.10 2.88
C GLY B 26 -16.01 -1.14 3.73
N GLY B 27 -17.01 -1.67 4.44
CA GLY B 27 -17.84 -0.84 5.29
C GLY B 27 -18.63 -1.72 6.23
N SER B 28 -19.50 -1.13 7.04
CA SER B 28 -20.28 -1.91 8.00
C SER B 28 -21.76 -1.54 7.96
N LEU B 29 -22.61 -2.57 7.99
CA LEU B 29 -24.07 -2.40 7.98
C LEU B 29 -24.49 -2.04 9.40
N ILE B 30 -25.22 -0.94 9.59
CA ILE B 30 -25.68 -0.56 10.92
C ILE B 30 -27.19 -0.60 11.13
N ASN B 31 -27.91 -0.92 10.05
CA ASN B 31 -29.36 -1.06 10.05
C ASN B 31 -29.76 -1.60 8.68
N ASP B 32 -31.05 -1.75 8.41
CA ASP B 32 -31.41 -2.32 7.11
C ASP B 32 -31.30 -1.37 5.92
N GLN B 33 -30.87 -0.13 6.17
CA GLN B 33 -30.77 0.83 5.10
C GLN B 33 -29.55 1.76 5.15
N TRP B 34 -28.68 1.60 6.13
CA TRP B 34 -27.49 2.42 6.26
C TRP B 34 -26.21 1.63 6.46
N VAL B 35 -25.13 2.14 5.87
CA VAL B 35 -23.80 1.55 5.94
C VAL B 35 -22.82 2.65 6.35
N VAL B 36 -21.78 2.27 7.08
CA VAL B 36 -20.77 3.24 7.50
C VAL B 36 -19.43 2.84 6.90
N SER B 37 -18.69 3.82 6.40
CA SER B 37 -17.39 3.58 5.76
C SER B 37 -16.48 4.79 6.01
N ALA B 38 -15.35 4.83 5.32
CA ALA B 38 -14.40 5.93 5.46
C ALA B 38 -14.74 7.00 4.44
N ALA B 39 -14.59 8.26 4.80
CA ALA B 39 -14.89 9.37 3.91
C ALA B 39 -14.01 9.42 2.66
N HIS B 40 -12.80 8.86 2.76
CA HIS B 40 -11.90 8.86 1.61
C HIS B 40 -12.29 7.77 0.62
N CYS B 41 -13.28 6.96 0.97
CA CYS B 41 -13.76 5.89 0.10
C CYS B 41 -14.98 6.38 -0.70
N TYR B 42 -15.13 7.69 -0.70
CA TYR B 42 -16.25 8.37 -1.36
C TYR B 42 -16.11 8.34 -2.90
N LYS B 43 -17.22 7.91 -3.49
CA LYS B 43 -17.40 7.81 -4.95
C LYS B 43 -18.84 8.22 -5.27
N SER B 44 -19.01 8.81 -6.44
CA SER B 44 -20.30 9.33 -6.89
C SER B 44 -21.31 8.22 -7.21
N ARG B 45 -20.81 7.03 -7.56
CA ARG B 45 -21.67 5.90 -7.88
C ARG B 45 -21.11 4.64 -7.22
N ILE B 46 -21.77 4.20 -6.16
CA ILE B 46 -21.35 3.02 -5.41
C ILE B 46 -22.49 2.01 -5.26
N GLN B 47 -22.11 0.78 -5.44
CA GLN B 47 -23.00 -0.36 -5.25
C GLN B 47 -22.48 -1.17 -4.09
N VAL B 48 -23.34 -1.34 -3.11
CA VAL B 48 -22.99 -2.08 -1.90
C VAL B 48 -23.32 -3.55 -2.07
N ARG B 49 -22.34 -4.40 -1.78
CA ARG B 49 -22.53 -5.83 -1.92
C ARG B 49 -22.53 -6.47 -0.53
N LEU B 50 -23.63 -7.14 -0.17
CA LEU B 50 -23.73 -7.76 1.14
C LEU B 50 -23.78 -9.28 1.12
N GLY B 51 -23.52 -9.87 2.28
CA GLY B 51 -23.55 -11.31 2.44
C GLY B 51 -22.57 -12.02 1.55
N GLU B 52 -21.32 -11.56 1.57
CA GLU B 52 -20.32 -12.15 0.71
C GLU B 52 -19.10 -12.72 1.43
N HIS B 53 -18.55 -13.80 0.89
CA HIS B 53 -17.35 -14.38 1.47
C HIS B 53 -16.28 -14.46 0.39
N ASN B 54 -16.69 -15.03 -0.74
CA ASN B 54 -15.83 -15.13 -1.94
C ASN B 54 -16.30 -14.06 -2.92
N ILE B 55 -15.64 -12.93 -2.81
CA ILE B 55 -15.97 -11.73 -3.59
C ILE B 55 -16.00 -11.98 -5.11
N ASN B 56 -15.41 -13.06 -5.58
CA ASN B 56 -15.35 -13.30 -7.05
C ASN B 56 -16.24 -14.44 -7.53
N VAL B 57 -17.05 -14.99 -6.63
CA VAL B 57 -17.95 -16.09 -7.00
C VAL B 57 -19.31 -15.89 -6.35
N LEU B 58 -20.35 -16.11 -7.13
CA LEU B 58 -21.72 -15.99 -6.60
C LEU B 58 -22.01 -17.25 -5.79
N GLU B 59 -22.26 -17.03 -4.52
CA GLU B 59 -22.46 -18.13 -3.58
C GLU B 59 -23.94 -18.42 -3.32
N GLY B 60 -24.79 -17.43 -3.47
CA GLY B 60 -26.25 -17.66 -3.31
C GLY B 60 -26.89 -16.80 -2.25
N ASN B 61 -26.17 -16.51 -1.18
CA ASN B 61 -26.69 -15.70 -0.09
C ASN B 61 -26.28 -14.23 -0.19
N GLU B 62 -26.20 -13.71 -1.42
CA GLU B 62 -25.80 -12.32 -1.65
C GLU B 62 -26.93 -11.34 -1.95
N GLN B 63 -26.64 -10.07 -1.71
CA GLN B 63 -27.57 -8.97 -1.96
C GLN B 63 -26.78 -7.77 -2.49
N PHE B 64 -27.23 -7.20 -3.59
CA PHE B 64 -26.58 -6.04 -4.19
C PHE B 64 -27.57 -4.88 -4.19
N VAL B 65 -27.22 -3.77 -3.56
CA VAL B 65 -28.10 -2.60 -3.53
C VAL B 65 -27.29 -1.33 -3.82
N ASN B 66 -27.86 -0.44 -4.63
CA ASN B 66 -27.19 0.83 -4.97
C ASN B 66 -27.29 1.86 -3.85
N ALA B 67 -26.36 2.83 -3.86
CA ALA B 67 -26.37 3.88 -2.87
C ALA B 67 -27.29 5.00 -3.35
N ALA B 68 -28.26 5.37 -2.53
CA ALA B 68 -29.21 6.41 -2.87
C ALA B 68 -28.77 7.78 -2.36
N LYS B 69 -27.87 7.79 -1.39
CA LYS B 69 -27.36 9.05 -0.82
C LYS B 69 -26.08 8.78 -0.04
N ILE B 70 -25.02 9.53 -0.35
CA ILE B 70 -23.74 9.36 0.33
C ILE B 70 -23.43 10.64 1.09
N ILE B 71 -23.32 10.52 2.40
CA ILE B 71 -23.06 11.66 3.27
C ILE B 71 -21.71 11.61 3.97
N LYS B 72 -20.77 12.44 3.53
CA LYS B 72 -19.44 12.51 4.15
C LYS B 72 -19.52 13.42 5.36
N HIS B 73 -18.62 13.25 6.33
CA HIS B 73 -18.64 14.10 7.50
C HIS B 73 -18.30 15.52 7.02
N PRO B 74 -19.09 16.52 7.40
CA PRO B 74 -18.86 17.92 7.00
C PRO B 74 -17.42 18.39 7.17
N ASN B 75 -16.82 17.99 8.30
CA ASN B 75 -15.46 18.37 8.64
C ASN B 75 -14.37 17.42 8.18
N PHE B 76 -14.65 16.61 7.18
CA PHE B 76 -13.63 15.70 6.67
C PHE B 76 -12.43 16.49 6.11
N ASP B 77 -11.24 16.11 6.56
CA ASP B 77 -10.01 16.75 6.11
C ASP B 77 -9.25 15.71 5.28
N ARG B 78 -9.22 15.91 3.96
CA ARG B 78 -8.57 14.97 3.04
C ARG B 78 -7.05 15.00 3.13
N LYS B 79 -6.51 16.03 3.79
CA LYS B 79 -5.08 16.16 3.92
C LYS B 79 -4.57 15.33 5.09
N THR B 80 -5.24 15.45 6.23
CA THR B 80 -4.84 14.74 7.43
C THR B 80 -5.70 13.51 7.73
N LEU B 81 -6.79 13.35 6.98
CA LEU B 81 -7.71 12.24 7.17
C LEU B 81 -8.42 12.28 8.52
N ASN B 82 -8.54 13.47 9.08
CA ASN B 82 -9.24 13.70 10.35
C ASN B 82 -10.73 13.61 10.03
N ASN B 83 -11.52 13.14 10.99
CA ASN B 83 -12.97 12.99 10.79
C ASN B 83 -13.28 12.15 9.55
N ASP B 84 -12.45 11.14 9.28
CA ASP B 84 -12.60 10.25 8.14
C ASP B 84 -13.75 9.24 8.32
N ILE B 85 -14.98 9.71 8.19
CA ILE B 85 -16.14 8.84 8.33
C ILE B 85 -17.22 9.29 7.36
N MET B 86 -17.96 8.34 6.83
CA MET B 86 -19.01 8.62 5.86
C MET B 86 -20.18 7.64 5.96
N LEU B 87 -21.39 8.14 5.74
CA LEU B 87 -22.59 7.30 5.79
C LEU B 87 -23.20 7.07 4.41
N ILE B 88 -23.77 5.89 4.21
CA ILE B 88 -24.38 5.53 2.94
C ILE B 88 -25.82 5.01 3.07
N LYS B 89 -26.77 5.70 2.45
CA LYS B 89 -28.16 5.27 2.50
C LYS B 89 -28.39 4.36 1.31
N LEU B 90 -28.98 3.19 1.55
CA LEU B 90 -29.23 2.25 0.47
C LEU B 90 -30.55 2.57 -0.24
N SER B 91 -30.66 2.15 -1.50
CA SER B 91 -31.87 2.40 -2.28
C SER B 91 -33.05 1.58 -1.85
N SER B 92 -32.78 0.45 -1.22
CA SER B 92 -33.81 -0.45 -0.73
C SER B 92 -33.33 -1.14 0.52
N PRO B 93 -34.22 -1.34 1.50
CA PRO B 93 -33.88 -2.01 2.75
C PRO B 93 -33.42 -3.42 2.44
N VAL B 94 -32.29 -3.84 3.00
CA VAL B 94 -31.79 -5.20 2.76
C VAL B 94 -32.49 -6.19 3.69
N LYS B 95 -32.68 -7.41 3.20
CA LYS B 95 -33.33 -8.44 3.98
C LYS B 95 -32.30 -9.12 4.89
N LEU B 96 -32.37 -8.73 6.15
CA LEU B 96 -31.48 -9.23 7.21
C LEU B 96 -31.77 -10.69 7.52
N ASN B 97 -30.69 -11.43 7.71
CA ASN B 97 -30.73 -12.86 8.04
C ASN B 97 -29.47 -13.25 8.82
N ALA B 98 -29.01 -14.45 8.56
CA ALA B 98 -27.83 -15.02 9.23
C ALA B 98 -26.53 -14.60 8.53
N ARG B 99 -26.64 -14.39 7.24
CA ARG B 99 -25.50 -14.01 6.40
C ARG B 99 -25.36 -12.49 6.29
N VAL B 100 -26.48 -11.82 6.48
CA VAL B 100 -26.54 -10.34 6.41
C VAL B 100 -27.17 -9.79 7.70
N ALA B 101 -26.30 -9.30 8.55
CA ALA B 101 -26.69 -8.72 9.85
C ALA B 101 -25.98 -7.38 10.08
N THR B 102 -26.40 -6.74 11.16
CA THR B 102 -25.87 -5.43 11.56
C THR B 102 -24.85 -5.59 12.69
N VAL B 103 -24.33 -4.45 13.11
CA VAL B 103 -23.34 -4.34 14.18
C VAL B 103 -23.61 -3.05 14.98
N ALA B 104 -23.53 -3.17 16.30
CA ALA B 104 -23.84 -2.08 17.23
C ALA B 104 -22.79 -0.97 17.27
N LEU B 105 -23.28 0.21 17.65
CA LEU B 105 -22.50 1.44 17.81
C LEU B 105 -21.93 1.47 19.24
N PRO B 106 -20.74 2.01 19.46
CA PRO B 106 -20.14 2.02 20.78
C PRO B 106 -20.92 2.77 21.86
N SER B 107 -21.09 2.11 23.01
CA SER B 107 -21.79 2.69 24.15
C SER B 107 -20.76 3.50 24.93
N SER B 108 -19.49 3.19 24.69
CA SER B 108 -18.35 3.84 25.33
C SER B 108 -17.08 3.62 24.52
N CYS B 109 -16.06 4.43 24.74
CA CYS B 109 -14.81 4.28 24.01
C CYS B 109 -14.03 3.12 24.61
N ALA B 110 -13.58 2.19 23.77
CA ALA B 110 -12.80 1.04 24.22
C ALA B 110 -11.45 1.48 24.78
N PRO B 111 -11.08 0.96 25.97
CA PRO B 111 -9.79 1.33 26.56
C PRO B 111 -8.66 0.52 25.93
N ALA B 112 -7.43 1.00 26.07
CA ALA B 112 -6.28 0.29 25.50
C ALA B 112 -6.20 -1.11 26.08
N GLY B 113 -5.76 -2.06 25.27
CA GLY B 113 -5.65 -3.44 25.72
C GLY B 113 -6.75 -4.30 25.14
N THR B 114 -7.92 -3.72 24.93
CA THR B 114 -9.08 -4.43 24.38
C THR B 114 -8.76 -5.12 23.06
N GLN B 115 -9.27 -6.33 22.90
CA GLN B 115 -9.05 -7.11 21.67
C GLN B 115 -10.13 -6.80 20.64
N CYS B 116 -9.72 -6.71 19.38
CA CYS B 116 -10.65 -6.40 18.29
C CYS B 116 -10.41 -7.27 17.06
N LEU B 117 -11.39 -7.28 16.16
CA LEU B 117 -11.31 -8.05 14.92
C LEU B 117 -11.39 -7.11 13.71
N ILE B 118 -10.47 -7.30 12.76
CA ILE B 118 -10.43 -6.47 11.56
C ILE B 118 -10.60 -7.40 10.37
N SER B 119 -11.51 -7.05 9.48
CA SER B 119 -11.75 -7.88 8.32
C SER B 119 -11.68 -7.09 7.00
N GLY B 120 -11.46 -7.79 5.90
CA GLY B 120 -11.38 -7.10 4.62
C GLY B 120 -10.78 -7.93 3.50
N TRP B 121 -11.01 -7.49 2.27
CA TRP B 121 -10.48 -8.17 1.09
C TRP B 121 -9.29 -7.40 0.53
N GLY B 122 -8.59 -6.68 1.39
CA GLY B 122 -7.44 -5.91 0.98
C GLY B 122 -6.22 -6.72 0.59
N ASN B 123 -5.12 -6.01 0.33
CA ASN B 123 -3.85 -6.61 -0.08
C ASN B 123 -3.36 -7.53 1.06
N THR B 124 -2.71 -8.63 0.68
CA THR B 124 -2.25 -9.64 1.67
C THR B 124 -0.72 -9.92 1.62
N LEU B 125 -0.02 -9.20 0.77
CA LEU B 125 1.45 -9.39 0.64
C LEU B 125 2.20 -8.12 1.06
N SER B 126 3.39 -8.31 1.60
CA SER B 126 4.26 -7.20 2.03
C SER B 126 5.19 -6.78 0.88
N SER B 127 5.28 -7.63 -0.14
CA SER B 127 6.09 -7.40 -1.33
C SER B 127 5.30 -7.91 -2.52
N GLY B 128 4.81 -6.99 -3.33
CA GLY B 128 3.99 -7.34 -4.47
C GLY B 128 2.55 -6.96 -4.16
N VAL B 129 1.62 -7.50 -4.92
CA VAL B 129 0.21 -7.20 -4.70
C VAL B 129 -0.61 -8.46 -4.91
N ASN B 130 -1.61 -8.64 -4.03
CA ASN B 130 -2.48 -9.81 -4.09
C ASN B 130 -3.84 -9.51 -3.48
N GLU B 131 -4.86 -9.52 -4.32
CA GLU B 131 -6.23 -9.28 -3.89
C GLU B 131 -6.85 -10.67 -3.67
N PRO B 132 -7.10 -11.04 -2.41
CA PRO B 132 -7.70 -12.33 -2.06
C PRO B 132 -9.17 -12.43 -2.48
N ASP B 133 -9.66 -13.65 -2.61
CA ASP B 133 -11.07 -13.88 -2.97
C ASP B 133 -11.86 -13.95 -1.67
N LEU B 134 -11.33 -14.72 -0.73
CA LEU B 134 -11.93 -14.94 0.57
C LEU B 134 -11.61 -13.82 1.56
N LEU B 135 -12.59 -13.48 2.39
CA LEU B 135 -12.44 -12.42 3.37
C LEU B 135 -11.39 -12.82 4.39
N GLN B 136 -10.41 -11.97 4.62
CA GLN B 136 -9.35 -12.24 5.59
C GLN B 136 -9.70 -11.66 6.94
N CYS B 137 -9.21 -12.27 8.01
CA CYS B 137 -9.46 -11.81 9.37
C CYS B 137 -8.15 -11.59 10.13
N LEU B 138 -8.18 -10.71 11.13
CA LEU B 138 -7.01 -10.41 11.96
C LEU B 138 -7.45 -9.95 13.35
N ASP B 139 -6.81 -10.50 14.38
CA ASP B 139 -7.14 -10.16 15.76
C ASP B 139 -6.02 -9.26 16.23
N ALA B 140 -6.35 -8.07 16.68
CA ALA B 140 -5.31 -7.15 17.14
C ALA B 140 -5.86 -6.32 18.29
N PRO B 141 -4.97 -5.86 19.19
CA PRO B 141 -5.35 -5.05 20.35
C PRO B 141 -5.35 -3.59 20.03
N LEU B 142 -6.09 -2.87 20.86
CA LEU B 142 -6.19 -1.40 20.81
C LEU B 142 -5.04 -0.85 21.66
N LEU B 143 -4.13 -0.18 20.98
CA LEU B 143 -2.89 0.34 21.60
C LEU B 143 -3.06 1.67 22.32
N PRO B 144 -2.22 1.95 23.35
CA PRO B 144 -2.24 3.22 24.04
C PRO B 144 -1.92 4.29 23.03
N GLN B 145 -2.42 5.49 23.28
CA GLN B 145 -2.21 6.63 22.37
C GLN B 145 -0.70 6.87 22.17
N ALA B 146 0.04 6.70 23.25
CA ALA B 146 1.50 6.90 23.27
C ALA B 146 2.19 6.13 22.15
N ASP B 147 1.75 4.89 21.98
CA ASP B 147 2.31 3.97 20.96
C ASP B 147 2.00 4.47 19.54
N CYS B 148 0.91 5.21 19.43
CA CYS B 148 0.44 5.75 18.15
C CYS B 148 1.21 7.02 17.78
N GLU B 149 1.52 7.80 18.80
CA GLU B 149 2.24 9.07 18.64
C GLU B 149 3.65 8.82 18.08
N ALA B 150 4.34 7.90 18.73
CA ALA B 150 5.73 7.55 18.39
C ALA B 150 5.88 7.14 16.91
N SER B 151 4.89 6.43 16.40
CA SER B 151 4.93 5.93 15.01
C SER B 151 4.60 7.03 14.00
N TYR B 152 3.63 7.85 14.36
CA TYR B 152 3.19 8.97 13.51
C TYR B 152 3.27 10.27 14.32
N PRO B 153 4.48 10.84 14.47
CA PRO B 153 4.67 12.05 15.27
C PRO B 153 3.86 13.22 14.75
N GLY B 154 3.08 13.77 15.68
CA GLY B 154 2.24 14.99 15.50
C GLY B 154 1.12 14.83 14.45
N LYS B 155 0.81 13.59 14.11
CA LYS B 155 -0.22 13.34 13.08
C LYS B 155 -1.48 12.72 13.68
N ILE B 156 -1.48 12.51 14.99
CA ILE B 156 -2.64 11.90 15.64
C ILE B 156 -3.54 12.92 16.34
N THR B 157 -4.82 12.89 16.02
CA THR B 157 -5.80 13.79 16.63
C THR B 157 -6.65 13.01 17.61
N ASP B 158 -7.51 13.73 18.32
CA ASP B 158 -8.40 13.11 19.29
C ASP B 158 -9.47 12.21 18.62
N ASN B 159 -9.49 12.20 17.30
CA ASN B 159 -10.51 11.45 16.54
C ASN B 159 -9.94 10.22 15.81
N MET B 160 -8.77 9.79 16.25
CA MET B 160 -8.09 8.60 15.68
C MET B 160 -7.67 7.69 16.80
N VAL B 161 -7.45 6.42 16.47
CA VAL B 161 -7.07 5.47 17.49
C VAL B 161 -6.24 4.34 16.86
N CYS B 162 -5.15 3.97 17.54
CA CYS B 162 -4.24 2.92 17.07
C CYS B 162 -4.68 1.51 17.47
N VAL B 163 -4.41 0.62 16.53
CA VAL B 163 -4.68 -0.83 16.65
C VAL B 163 -3.69 -1.60 15.75
N GLY B 164 -3.08 -2.61 16.34
CA GLY B 164 -2.13 -3.45 15.60
C GLY B 164 -0.94 -3.86 16.48
N PHE B 165 0.11 -4.26 15.80
CA PHE B 165 1.36 -4.72 16.44
C PHE B 165 2.55 -3.87 15.96
N LEU B 166 3.63 -4.02 16.69
CA LEU B 166 4.90 -3.32 16.42
C LEU B 166 5.90 -4.29 15.78
N GLU B 167 5.41 -5.50 15.59
CA GLU B 167 6.17 -6.60 14.98
C GLU B 167 5.27 -7.83 14.85
N GLY B 168 5.67 -8.70 13.93
CA GLY B 168 4.94 -9.95 13.67
C GLY B 168 4.49 -10.00 12.20
N GLY B 169 4.71 -8.89 11.53
CA GLY B 169 4.37 -8.74 10.11
C GLY B 169 2.87 -8.98 9.88
N LYS B 170 2.07 -8.27 10.66
CA LYS B 170 0.61 -8.35 10.59
C LYS B 170 0.03 -6.93 10.58
N SER B 171 -0.88 -6.68 9.64
CA SER B 171 -1.49 -5.35 9.54
C SER B 171 -2.54 -5.23 8.46
N SER B 172 -3.34 -4.18 8.57
CA SER B 172 -4.38 -3.86 7.60
C SER B 172 -3.67 -3.29 6.39
N CYS B 173 -4.39 -3.16 5.28
CA CYS B 173 -3.77 -2.63 4.06
C CYS B 173 -4.87 -2.05 3.17
N GLN B 174 -4.41 -1.47 2.07
CA GLN B 174 -5.32 -0.89 1.07
C GLN B 174 -6.21 -2.01 0.55
N GLY B 175 -7.49 -1.73 0.54
CA GLY B 175 -8.52 -2.68 0.11
C GLY B 175 -9.40 -3.00 1.32
N ASP B 176 -8.77 -2.90 2.46
CA ASP B 176 -9.40 -3.10 3.77
C ASP B 176 -9.95 -1.75 4.24
N SER B 177 -9.56 -0.69 3.57
CA SER B 177 -10.00 0.67 3.91
C SER B 177 -11.51 0.77 4.04
N GLY B 178 -11.95 1.52 5.05
CA GLY B 178 -13.36 1.69 5.31
C GLY B 178 -13.94 0.43 6.00
N GLY B 179 -13.08 -0.57 6.15
CA GLY B 179 -13.43 -1.89 6.73
C GLY B 179 -13.67 -1.82 8.25
N PRO B 180 -14.58 -2.65 8.79
CA PRO B 180 -14.90 -2.66 10.23
C PRO B 180 -13.71 -3.01 11.10
N VAL B 181 -13.92 -2.76 12.39
CA VAL B 181 -12.96 -3.04 13.49
C VAL B 181 -13.75 -3.16 14.81
N VAL B 182 -14.37 -4.31 14.96
CA VAL B 182 -15.23 -4.63 16.11
C VAL B 182 -14.44 -5.06 17.35
N CYS B 183 -14.87 -4.48 18.47
CA CYS B 183 -14.31 -4.73 19.81
C CYS B 183 -15.47 -4.89 20.80
N ASN B 184 -15.54 -6.03 21.47
CA ASN B 184 -16.60 -6.26 22.46
C ASN B 184 -17.98 -6.09 21.85
N GLY B 185 -18.20 -6.73 20.71
CA GLY B 185 -19.49 -6.66 20.04
C GLY B 185 -19.92 -5.32 19.49
N GLU B 186 -19.01 -4.36 19.45
CA GLU B 186 -19.36 -3.04 18.95
C GLU B 186 -18.33 -2.55 17.94
N LEU B 187 -18.73 -1.61 17.09
CA LEU B 187 -17.84 -1.03 16.10
C LEU B 187 -17.07 0.08 16.82
N GLN B 188 -15.77 -0.13 16.96
CA GLN B 188 -14.90 0.82 17.61
C GLN B 188 -14.02 1.61 16.64
N GLY B 189 -13.80 1.08 15.44
CA GLY B 189 -12.98 1.81 14.50
C GLY B 189 -13.34 1.55 13.04
N ILE B 190 -12.76 2.37 12.16
CA ILE B 190 -12.94 2.27 10.72
C ILE B 190 -11.53 2.31 10.12
N VAL B 191 -11.23 1.39 9.22
CA VAL B 191 -9.90 1.33 8.62
C VAL B 191 -9.64 2.62 7.84
N SER B 192 -8.79 3.47 8.39
CA SER B 192 -8.46 4.76 7.78
C SER B 192 -7.13 4.78 7.04
N TRP B 193 -6.03 4.90 7.79
CA TRP B 193 -4.72 4.97 7.17
C TRP B 193 -3.60 4.38 8.01
N GLY B 194 -2.40 4.35 7.41
CA GLY B 194 -1.22 3.84 8.07
C GLY B 194 -0.23 3.30 7.07
N TYR B 195 0.91 2.79 7.54
CA TYR B 195 1.93 2.25 6.65
C TYR B 195 1.47 1.03 5.84
N GLY B 196 0.44 0.35 6.31
CA GLY B 196 -0.06 -0.81 5.58
C GLY B 196 0.90 -1.97 5.36
N CYS B 197 0.54 -2.83 4.41
CA CYS B 197 1.32 -4.02 4.07
C CYS B 197 2.84 -3.81 3.92
N ALA B 198 3.23 -2.68 3.37
CA ALA B 198 4.64 -2.35 3.16
C ALA B 198 5.50 -2.53 4.42
N LEU B 199 5.14 -1.82 5.49
CA LEU B 199 5.84 -1.93 6.76
C LEU B 199 4.86 -2.39 7.83
N PRO B 200 4.46 -3.66 7.79
CA PRO B 200 3.52 -4.27 8.74
C PRO B 200 3.95 -4.12 10.19
N ASP B 201 5.24 -3.92 10.41
CA ASP B 201 5.75 -3.77 11.76
C ASP B 201 5.51 -2.35 12.30
N ASN B 202 4.28 -1.88 12.10
CA ASN B 202 3.84 -0.57 12.55
C ASN B 202 2.33 -0.64 12.75
N PRO B 203 1.82 -0.06 13.83
CA PRO B 203 0.39 -0.08 14.08
C PRO B 203 -0.36 0.76 13.07
N GLY B 204 -1.60 0.41 12.80
CA GLY B 204 -2.41 1.18 11.88
C GLY B 204 -3.24 2.17 12.66
N VAL B 205 -3.70 3.23 11.99
CA VAL B 205 -4.54 4.20 12.68
C VAL B 205 -5.94 4.20 12.08
N TYR B 206 -6.92 4.20 12.97
CA TYR B 206 -8.32 4.11 12.61
C TYR B 206 -9.14 5.25 13.19
N THR B 207 -10.32 5.47 12.61
CA THR B 207 -11.20 6.53 13.09
C THR B 207 -11.86 6.07 14.39
N LYS B 208 -11.91 6.96 15.38
CA LYS B 208 -12.49 6.68 16.69
C LYS B 208 -14.00 6.96 16.61
N VAL B 209 -14.73 5.89 16.34
CA VAL B 209 -16.20 5.93 16.11
C VAL B 209 -17.00 6.42 17.34
N CYS B 210 -16.52 6.08 18.52
CA CYS B 210 -17.21 6.42 19.79
C CYS B 210 -17.39 7.94 19.93
N ASN B 211 -16.73 8.69 19.04
CA ASN B 211 -16.81 10.14 19.04
C ASN B 211 -17.93 10.65 18.13
N TYR B 212 -18.47 9.78 17.29
CA TYR B 212 -19.50 10.19 16.35
C TYR B 212 -20.86 9.51 16.48
N VAL B 213 -21.18 8.95 17.64
CA VAL B 213 -22.47 8.28 17.76
C VAL B 213 -23.62 9.27 17.59
N ASP B 214 -23.52 10.43 18.20
CA ASP B 214 -24.58 11.44 18.06
C ASP B 214 -24.75 11.85 16.58
N TRP B 215 -23.64 12.12 15.91
CA TRP B 215 -23.67 12.53 14.51
C TRP B 215 -24.41 11.52 13.67
N ILE B 216 -24.01 10.26 13.78
CA ILE B 216 -24.64 9.18 13.05
C ILE B 216 -26.15 9.17 13.29
N GLN B 217 -26.55 9.23 14.55
CA GLN B 217 -27.97 9.22 14.91
C GLN B 217 -28.77 10.38 14.30
N ASP B 218 -28.29 11.61 14.50
CA ASP B 218 -28.97 12.77 13.95
C ASP B 218 -29.06 12.71 12.43
N THR B 219 -28.02 12.16 11.81
CA THR B 219 -27.96 12.03 10.35
C THR B 219 -28.99 11.05 9.82
N ILE B 220 -29.10 9.90 10.48
CA ILE B 220 -30.06 8.86 10.09
C ILE B 220 -31.50 9.34 10.31
N ALA B 221 -31.69 10.17 11.32
CA ALA B 221 -33.00 10.71 11.64
C ALA B 221 -33.49 11.74 10.63
N ALA B 222 -32.61 12.68 10.27
CA ALA B 222 -32.94 13.75 9.31
C ALA B 222 -33.03 13.29 7.86
N ASN B 223 -32.57 12.09 7.55
CA ASN B 223 -32.57 11.65 6.14
C ASN B 223 -33.43 10.42 5.87
#